data_6MTU
#
_entry.id   6MTU
#
_cell.length_a   53.600
_cell.length_b   53.600
_cell.length_c   214.454
_cell.angle_alpha   90.00
_cell.angle_beta   90.00
_cell.angle_gamma   90.00
#
_symmetry.space_group_name_H-M   'I 41'
#
loop_
_entity.id
_entity.type
_entity.pdbx_description
1 polymer 'Protein scribble homolog'
2 polymer 'Colorectal mutant cancer protein'
3 non-polymer DI(HYDROXYETHYL)ETHER
4 non-polymer 1,2-ETHANEDIOL
5 non-polymer 'PHOSPHATE ION'
6 non-polymer 'CHLORIDE ION'
7 water water
#
loop_
_entity_poly.entity_id
_entity_poly.type
_entity_poly.pdbx_seq_one_letter_code
_entity_poly.pdbx_strand_id
1 'polypeptide(L)'
;GSAPSVKGVSFDQANNLLIEPARIEEEELTLTILRQTGGLGISIAGGKGSTPYKGDDEGIFISRVSEEGPAARAGVRVGD
KLLEVNGVALQGAEHHEAVEALRGAGTAVQMRVWRERM
;
A,B
2 'polypeptide(L)' PHTNET(SEP)L C,D
#
# COMPACT_ATOMS: atom_id res chain seq x y z
N LEU A 17 29.70 21.45 -33.24
CA LEU A 17 30.87 21.01 -32.49
C LEU A 17 30.87 19.48 -32.35
N LEU A 18 30.39 18.98 -31.21
CA LEU A 18 30.30 17.54 -30.97
C LEU A 18 28.85 17.09 -31.00
N ILE A 19 28.66 15.78 -31.12
CA ILE A 19 27.35 15.19 -31.41
C ILE A 19 26.81 14.50 -30.16
N GLU A 20 25.49 14.47 -30.05
CA GLU A 20 24.85 13.69 -29.00
C GLU A 20 25.06 12.21 -29.27
N PRO A 21 25.26 11.40 -28.23
CA PRO A 21 25.45 9.96 -28.45
C PRO A 21 24.12 9.24 -28.66
N ALA A 22 24.22 8.03 -29.20
CA ALA A 22 23.04 7.18 -29.30
C ALA A 22 22.46 6.97 -27.92
N ARG A 23 21.15 7.18 -27.79
CA ARG A 23 20.47 7.06 -26.50
C ARG A 23 19.26 6.15 -26.65
N ILE A 24 19.08 5.29 -25.66
CA ILE A 24 17.88 4.46 -25.55
C ILE A 24 16.85 5.27 -24.76
N GLU A 25 15.78 5.70 -25.43
CA GLU A 25 14.79 6.53 -24.75
C GLU A 25 13.98 5.72 -23.75
N GLU A 26 13.32 4.66 -24.20
CA GLU A 26 12.52 3.82 -23.34
C GLU A 26 12.81 2.36 -23.66
N GLU A 27 12.29 1.46 -22.83
CA GLU A 27 12.70 0.07 -22.88
C GLU A 27 11.64 -0.81 -22.24
N GLU A 28 11.47 -2.01 -22.80
CA GLU A 28 10.61 -3.04 -22.23
C GLU A 28 11.44 -4.31 -22.01
N LEU A 29 11.23 -4.96 -20.87
CA LEU A 29 12.06 -6.08 -20.47
C LEU A 29 11.20 -7.21 -19.92
N THR A 30 11.85 -8.33 -19.65
CA THR A 30 11.27 -9.41 -18.86
C THR A 30 12.36 -9.91 -17.92
N LEU A 31 12.03 -9.96 -16.62
CA LEU A 31 13.00 -10.30 -15.58
C LEU A 31 12.43 -11.44 -14.77
N THR A 32 13.04 -12.61 -14.87
CA THR A 32 12.58 -13.79 -14.14
C THR A 32 13.09 -13.70 -12.71
N ILE A 33 12.17 -13.44 -11.77
CA ILE A 33 12.51 -13.34 -10.36
C ILE A 33 12.30 -14.70 -9.72
N LEU A 34 13.31 -15.18 -8.99
CA LEU A 34 13.25 -16.44 -8.26
C LEU A 34 13.10 -16.12 -6.78
N ARG A 35 11.86 -16.16 -6.29
CA ARG A 35 11.54 -15.72 -4.94
C ARG A 35 12.11 -16.68 -3.91
N GLN A 36 13.17 -16.27 -3.24
CA GLN A 36 13.66 -17.01 -2.09
C GLN A 36 12.86 -16.61 -0.86
N THR A 37 12.65 -17.58 0.02
CA THR A 37 11.81 -17.39 1.21
C THR A 37 12.00 -16.02 1.81
N GLY A 38 10.89 -15.30 1.97
CA GLY A 38 10.92 -13.92 2.43
C GLY A 38 10.33 -12.94 1.45
N GLY A 39 9.94 -13.36 0.25
CA GLY A 39 9.30 -12.49 -0.70
C GLY A 39 10.22 -12.06 -1.82
N LEU A 40 9.69 -11.15 -2.64
CA LEU A 40 10.40 -10.66 -3.81
C LEU A 40 11.41 -9.56 -3.47
N GLY A 41 11.22 -8.87 -2.34
CA GLY A 41 12.11 -7.80 -1.97
C GLY A 41 11.90 -6.54 -2.79
N ILE A 42 10.64 -6.13 -2.95
CA ILE A 42 10.28 -4.93 -3.68
C ILE A 42 9.03 -4.33 -3.05
N SER A 43 8.72 -3.09 -3.46
CA SER A 43 7.47 -2.43 -3.08
C SER A 43 6.87 -1.79 -4.32
N ILE A 44 5.56 -1.96 -4.50
CA ILE A 44 4.84 -1.44 -5.65
C ILE A 44 4.02 -0.24 -5.23
N ALA A 45 3.80 0.68 -6.18
CA ALA A 45 3.07 1.90 -5.91
C ALA A 45 2.21 2.27 -7.11
N GLY A 46 0.97 2.63 -6.84
CA GLY A 46 0.05 3.10 -7.86
C GLY A 46 -1.10 2.13 -8.08
N GLY A 47 -1.99 2.53 -8.97
CA GLY A 47 -3.14 1.73 -9.34
C GLY A 47 -4.31 2.61 -9.72
N LYS A 48 -5.23 2.02 -10.49
CA LYS A 48 -6.49 2.68 -10.84
C LYS A 48 -7.17 3.18 -9.58
N GLY A 49 -7.26 4.50 -9.43
CA GLY A 49 -7.82 5.11 -8.25
C GLY A 49 -6.82 5.55 -7.21
N SER A 50 -5.52 5.49 -7.51
CA SER A 50 -4.47 5.88 -6.59
C SER A 50 -3.69 7.05 -7.16
N THR A 51 -2.83 7.62 -6.33
CA THR A 51 -2.00 8.76 -6.75
C THR A 51 -0.93 8.28 -7.72
N PRO A 52 -0.86 8.83 -8.94
CA PRO A 52 0.13 8.35 -9.90
C PRO A 52 1.56 8.45 -9.37
N TYR A 53 2.40 7.53 -9.84
CA TYR A 53 3.83 7.54 -9.55
C TYR A 53 4.61 8.42 -10.50
N LYS A 54 4.11 8.59 -11.73
CA LYS A 54 4.79 9.38 -12.76
C LYS A 54 3.70 10.11 -13.56
N GLY A 55 3.59 11.41 -13.36
CA GLY A 55 2.61 12.19 -14.08
C GLY A 55 1.20 11.83 -13.65
N ASP A 56 0.37 11.45 -14.62
CA ASP A 56 -0.98 10.93 -14.35
C ASP A 56 -1.10 9.46 -14.68
N ASP A 57 0.02 8.75 -14.78
CA ASP A 57 0.01 7.34 -15.14
C ASP A 57 -0.47 6.50 -13.95
N GLU A 58 -1.53 5.72 -14.17
CA GLU A 58 -2.11 4.88 -13.14
C GLU A 58 -1.53 3.48 -13.13
N GLY A 59 -0.30 3.30 -13.60
CA GLY A 59 0.31 2.00 -13.67
C GLY A 59 0.86 1.51 -12.34
N ILE A 60 1.43 0.32 -12.38
CA ILE A 60 2.03 -0.31 -11.21
C ILE A 60 3.55 -0.15 -11.34
N PHE A 61 4.11 0.79 -10.60
CA PHE A 61 5.54 1.08 -10.65
C PHE A 61 6.25 0.45 -9.45
N ILE A 62 7.50 0.06 -9.67
CA ILE A 62 8.34 -0.48 -8.59
C ILE A 62 8.84 0.72 -7.78
N SER A 63 8.40 0.82 -6.53
CA SER A 63 8.79 1.92 -5.66
C SER A 63 10.08 1.65 -4.91
N ARG A 64 10.40 0.39 -4.63
CA ARG A 64 11.67 0.05 -4.01
C ARG A 64 12.14 -1.31 -4.53
N VAL A 65 13.45 -1.52 -4.46
CA VAL A 65 14.04 -2.82 -4.73
C VAL A 65 15.11 -3.07 -3.67
N SER A 66 14.77 -3.87 -2.65
CA SER A 66 15.73 -4.21 -1.60
C SER A 66 16.97 -4.84 -2.22
N GLU A 67 18.08 -4.12 -2.24
CA GLU A 67 19.31 -4.61 -2.86
C GLU A 67 19.70 -5.96 -2.28
N GLU A 68 20.31 -6.79 -3.13
CA GLU A 68 20.67 -8.17 -2.81
C GLU A 68 19.44 -9.01 -2.47
N GLY A 69 18.26 -8.57 -2.89
CA GLY A 69 17.07 -9.37 -2.81
C GLY A 69 16.85 -10.12 -4.10
N PRO A 70 15.79 -10.94 -4.16
CA PRO A 70 15.55 -11.70 -5.40
C PRO A 70 15.34 -10.81 -6.62
N ALA A 71 14.52 -9.75 -6.49
CA ALA A 71 14.21 -8.89 -7.63
C ALA A 71 15.38 -8.00 -8.02
N ALA A 72 16.30 -7.72 -7.09
CA ALA A 72 17.49 -6.94 -7.44
C ALA A 72 18.45 -7.76 -8.29
N ARG A 73 18.72 -9.00 -7.88
CA ARG A 73 19.60 -9.87 -8.65
C ARG A 73 19.07 -10.16 -10.04
N ALA A 74 17.78 -9.92 -10.29
CA ALA A 74 17.16 -10.21 -11.56
C ALA A 74 17.17 -9.03 -12.53
N GLY A 75 17.51 -7.84 -12.06
CA GLY A 75 17.60 -6.67 -12.91
C GLY A 75 16.54 -5.62 -12.65
N VAL A 76 15.57 -5.89 -11.77
CA VAL A 76 14.53 -4.91 -11.51
C VAL A 76 15.15 -3.65 -10.92
N ARG A 77 14.51 -2.51 -11.18
CA ARG A 77 14.99 -1.24 -10.67
C ARG A 77 13.81 -0.38 -10.25
N VAL A 78 14.09 0.64 -9.44
CA VAL A 78 13.07 1.58 -9.01
C VAL A 78 12.47 2.27 -10.22
N GLY A 79 11.15 2.43 -10.21
CA GLY A 79 10.45 3.13 -11.26
C GLY A 79 9.99 2.27 -12.41
N ASP A 80 10.51 1.05 -12.54
CA ASP A 80 10.05 0.16 -13.60
C ASP A 80 8.55 -0.05 -13.49
N LYS A 81 7.85 0.22 -14.59
CA LYS A 81 6.39 0.11 -14.63
C LYS A 81 6.00 -1.33 -14.92
N LEU A 82 5.23 -1.93 -14.01
CA LEU A 82 4.88 -3.34 -14.10
C LEU A 82 3.70 -3.53 -15.04
N LEU A 83 3.92 -4.22 -16.15
CA LEU A 83 2.89 -4.43 -17.17
C LEU A 83 2.21 -5.79 -17.07
N GLU A 84 2.97 -6.85 -16.83
CA GLU A 84 2.44 -8.20 -16.89
C GLU A 84 3.27 -9.11 -16.01
N VAL A 85 2.61 -10.09 -15.38
CA VAL A 85 3.27 -11.01 -14.46
C VAL A 85 2.75 -12.41 -14.77
N ASN A 86 3.64 -13.27 -15.30
CA ASN A 86 3.32 -14.67 -15.56
C ASN A 86 2.02 -14.80 -16.36
N GLY A 87 1.90 -13.99 -17.40
CA GLY A 87 0.77 -14.05 -18.29
C GLY A 87 -0.45 -13.28 -17.84
N VAL A 88 -0.37 -12.56 -16.72
CA VAL A 88 -1.48 -11.76 -16.21
C VAL A 88 -1.17 -10.30 -16.49
N ALA A 89 -1.99 -9.67 -17.31
CA ALA A 89 -1.77 -8.28 -17.70
C ALA A 89 -2.32 -7.35 -16.63
N LEU A 90 -1.51 -6.36 -16.25
CA LEU A 90 -1.91 -5.37 -15.24
C LEU A 90 -2.39 -4.08 -15.88
N GLN A 91 -3.12 -4.18 -16.99
CA GLN A 91 -3.62 -3.00 -17.69
C GLN A 91 -4.88 -2.50 -16.99
N GLY A 92 -4.85 -1.26 -16.53
CA GLY A 92 -5.97 -0.71 -15.80
C GLY A 92 -6.23 -1.36 -14.47
N ALA A 93 -5.23 -2.07 -13.91
CA ALA A 93 -5.40 -2.81 -12.68
C ALA A 93 -5.35 -1.88 -11.46
N GLU A 94 -6.13 -2.23 -10.45
CA GLU A 94 -6.06 -1.53 -9.17
C GLU A 94 -4.79 -1.95 -8.45
N HIS A 95 -4.56 -1.33 -7.27
CA HIS A 95 -3.37 -1.67 -6.49
C HIS A 95 -3.49 -3.07 -5.90
N HIS A 96 -4.58 -3.36 -5.21
CA HIS A 96 -4.72 -4.65 -4.54
C HIS A 96 -4.73 -5.80 -5.54
N GLU A 97 -5.22 -5.56 -6.76
CA GLU A 97 -5.20 -6.60 -7.78
C GLU A 97 -3.78 -6.91 -8.23
N ALA A 98 -2.92 -5.89 -8.29
CA ALA A 98 -1.51 -6.12 -8.52
C ALA A 98 -0.84 -6.72 -7.30
N VAL A 99 -1.36 -6.43 -6.11
CA VAL A 99 -0.84 -7.03 -4.89
C VAL A 99 -1.15 -8.52 -4.87
N GLU A 100 -2.37 -8.89 -5.25
CA GLU A 100 -2.78 -10.29 -5.21
C GLU A 100 -2.20 -11.09 -6.37
N ALA A 101 -1.93 -10.42 -7.50
CA ALA A 101 -1.27 -11.11 -8.61
C ALA A 101 0.13 -11.55 -8.24
N LEU A 102 0.81 -10.76 -7.41
CA LEU A 102 2.17 -11.05 -7.00
C LEU A 102 2.25 -11.90 -5.74
N ARG A 103 1.13 -12.06 -5.02
CA ARG A 103 1.15 -12.89 -3.82
C ARG A 103 0.98 -14.37 -4.15
N GLY A 104 0.24 -14.69 -5.21
CA GLY A 104 0.18 -16.05 -5.70
C GLY A 104 1.21 -16.26 -6.80
N ALA A 105 2.38 -15.64 -6.63
CA ALA A 105 3.36 -15.59 -7.71
C ALA A 105 4.04 -16.93 -7.93
N GLY A 106 4.26 -17.69 -6.86
CA GLY A 106 5.05 -18.91 -6.96
C GLY A 106 6.52 -18.61 -6.82
N THR A 107 7.32 -19.67 -6.98
CA THR A 107 8.76 -19.54 -6.80
C THR A 107 9.46 -18.90 -7.99
N ALA A 108 8.78 -18.81 -9.14
CA ALA A 108 9.34 -18.18 -10.33
C ALA A 108 8.34 -17.15 -10.84
N VAL A 109 8.82 -15.91 -10.99
CA VAL A 109 7.98 -14.79 -11.39
C VAL A 109 8.60 -14.15 -12.63
N GLN A 110 7.86 -14.17 -13.74
CA GLN A 110 8.29 -13.54 -14.97
C GLN A 110 7.43 -12.30 -15.20
N MET A 111 8.01 -11.13 -14.96
CA MET A 111 7.31 -9.87 -15.12
C MET A 111 7.74 -9.18 -16.41
N ARG A 112 6.82 -8.42 -16.99
CA ARG A 112 7.14 -7.51 -18.08
C ARG A 112 7.11 -6.09 -17.55
N VAL A 113 8.19 -5.34 -17.78
CA VAL A 113 8.37 -4.03 -17.17
C VAL A 113 8.67 -3.00 -18.25
N TRP A 114 8.63 -1.73 -17.85
CA TRP A 114 8.87 -0.59 -18.73
C TRP A 114 9.68 0.43 -17.94
N ARG A 115 10.56 1.16 -18.63
CA ARG A 115 11.54 1.99 -17.96
C ARG A 115 11.75 3.32 -18.68
N GLU A 116 12.39 4.25 -17.97
CA GLU A 116 12.94 5.49 -18.51
C GLU A 116 14.35 5.65 -17.95
N ARG A 117 15.09 6.60 -18.49
CA ARG A 117 16.54 6.64 -18.32
C ARG A 117 16.95 7.64 -17.24
N MET A 118 18.25 8.02 -17.22
CA MET A 118 18.81 9.02 -16.32
C MET A 118 18.87 8.51 -14.88
N GLU B 20 0.21 3.11 42.32
CA GLU B 20 -0.45 2.65 41.10
C GLU B 20 -1.88 3.17 41.04
N PRO B 21 -2.06 4.39 40.51
CA PRO B 21 -3.41 4.98 40.50
C PRO B 21 -4.34 4.28 39.53
N ALA B 22 -5.59 4.74 39.46
CA ALA B 22 -6.51 4.26 38.43
C ALA B 22 -5.88 4.48 37.06
N ARG B 23 -6.09 3.52 36.15
CA ARG B 23 -5.39 3.54 34.88
C ARG B 23 -6.25 2.87 33.82
N ILE B 24 -6.46 3.56 32.70
CA ILE B 24 -7.16 3.00 31.56
C ILE B 24 -6.18 2.15 30.76
N GLU B 25 -6.52 0.88 30.56
CA GLU B 25 -5.69 0.00 29.73
C GLU B 25 -6.11 0.03 28.27
N GLU B 26 -7.42 0.02 28.02
CA GLU B 26 -7.96 0.06 26.66
C GLU B 26 -9.28 0.81 26.70
N GLU B 27 -9.74 1.19 25.51
CA GLU B 27 -10.99 1.92 25.40
C GLU B 27 -11.38 1.99 23.92
N GLU B 28 -12.70 1.97 23.68
CA GLU B 28 -13.26 2.14 22.35
C GLU B 28 -13.90 3.52 22.26
N LEU B 29 -13.62 4.25 21.20
CA LEU B 29 -14.13 5.60 21.01
C LEU B 29 -14.88 5.69 19.69
N THR B 30 -15.92 6.51 19.67
CA THR B 30 -16.58 6.90 18.43
C THR B 30 -16.07 8.27 18.04
N LEU B 31 -15.50 8.37 16.84
CA LEU B 31 -14.85 9.58 16.37
C LEU B 31 -15.41 9.97 15.01
N THR B 32 -15.69 11.25 14.83
CA THR B 32 -16.29 11.78 13.61
C THR B 32 -15.30 12.72 12.94
N ILE B 33 -15.00 12.48 11.66
CA ILE B 33 -14.01 13.24 10.91
C ILE B 33 -14.72 14.06 9.85
N LEU B 34 -14.27 15.30 9.66
CA LEU B 34 -14.85 16.21 8.67
C LEU B 34 -13.83 16.45 7.57
N ARG B 35 -14.07 15.88 6.38
CA ARG B 35 -13.21 16.10 5.24
C ARG B 35 -13.84 17.11 4.28
N GLY B 39 -9.44 15.07 1.68
CA GLY B 39 -8.77 13.96 2.33
C GLY B 39 -9.04 13.90 3.82
N LEU B 40 -8.68 12.77 4.43
CA LEU B 40 -8.95 12.54 5.84
C LEU B 40 -7.74 12.79 6.73
N GLY B 41 -6.52 12.72 6.20
CA GLY B 41 -5.35 12.97 6.99
C GLY B 41 -4.91 11.81 7.85
N ILE B 42 -4.94 10.59 7.30
CA ILE B 42 -4.51 9.39 8.02
C ILE B 42 -3.99 8.38 7.02
N SER B 43 -3.27 7.37 7.54
CA SER B 43 -2.83 6.23 6.75
C SER B 43 -3.18 4.96 7.49
N ILE B 44 -3.86 4.04 6.81
CA ILE B 44 -4.20 2.75 7.38
C ILE B 44 -3.16 1.73 6.92
N ALA B 45 -2.89 0.75 7.77
CA ALA B 45 -1.97 -0.32 7.47
C ALA B 45 -2.60 -1.65 7.88
N GLY B 46 -1.83 -2.72 7.74
CA GLY B 46 -2.33 -4.03 8.13
C GLY B 46 -3.47 -4.49 7.24
N GLY B 47 -4.21 -5.48 7.75
CA GLY B 47 -5.31 -6.05 7.01
C GLY B 47 -5.23 -7.56 6.92
N LYS B 48 -6.35 -8.20 6.62
CA LYS B 48 -6.38 -9.66 6.49
C LYS B 48 -5.55 -10.07 5.29
N GLY B 49 -4.49 -10.84 5.54
CA GLY B 49 -3.57 -11.27 4.51
C GLY B 49 -2.31 -10.46 4.39
N SER B 50 -2.17 -9.40 5.18
CA SER B 50 -1.00 -8.53 5.14
C SER B 50 -0.18 -8.69 6.42
N THR B 51 1.03 -8.15 6.38
CA THR B 51 1.89 -8.13 7.56
C THR B 51 1.19 -7.36 8.68
N PRO B 52 0.99 -7.93 9.85
CA PRO B 52 0.27 -7.22 10.92
C PRO B 52 0.94 -5.91 11.29
N TYR B 53 0.12 -4.95 11.72
CA TYR B 53 0.64 -3.65 12.16
C TYR B 53 1.35 -3.76 13.51
N LYS B 54 0.88 -4.65 14.38
CA LYS B 54 1.53 -4.87 15.67
C LYS B 54 1.18 -6.26 16.18
N GLY B 55 2.15 -6.89 16.84
CA GLY B 55 1.92 -8.20 17.42
C GLY B 55 1.41 -9.19 16.40
N ASP B 56 0.38 -9.94 16.79
CA ASP B 56 -0.31 -10.86 15.90
C ASP B 56 -1.65 -10.31 15.39
N ASP B 57 -1.94 -9.05 15.71
CA ASP B 57 -3.24 -8.46 15.36
C ASP B 57 -3.28 -8.17 13.86
N GLU B 58 -4.03 -8.98 13.12
CA GLU B 58 -4.11 -8.87 11.67
C GLU B 58 -5.17 -7.90 11.19
N GLY B 59 -5.50 -6.89 12.00
CA GLY B 59 -6.55 -5.96 11.68
C GLY B 59 -6.02 -4.65 11.11
N ILE B 60 -6.96 -3.73 10.85
CA ILE B 60 -6.67 -2.44 10.25
C ILE B 60 -6.32 -1.45 11.35
N PHE B 61 -5.18 -0.77 11.20
CA PHE B 61 -4.70 0.18 12.19
C PHE B 61 -4.31 1.49 11.51
N ILE B 62 -4.56 2.60 12.20
CA ILE B 62 -4.03 3.89 11.78
C ILE B 62 -2.53 3.88 12.01
N SER B 63 -1.75 4.06 10.93
CA SER B 63 -0.30 4.07 11.01
C SER B 63 0.30 5.47 10.92
N ARG B 64 -0.50 6.47 10.55
CA ARG B 64 -0.02 7.83 10.41
C ARG B 64 -1.21 8.78 10.49
N VAL B 65 -1.02 9.89 11.19
CA VAL B 65 -2.02 10.96 11.25
C VAL B 65 -1.33 12.27 10.89
N SER B 66 -1.95 13.03 10.00
CA SER B 66 -1.43 14.36 9.69
C SER B 66 -1.64 15.27 10.89
N GLU B 67 -0.60 16.03 11.25
CA GLU B 67 -0.70 16.93 12.39
C GLU B 67 -1.81 17.95 12.13
N GLU B 68 -2.80 17.97 13.01
CA GLU B 68 -3.95 18.87 12.91
C GLU B 68 -4.75 18.65 11.64
N GLY B 69 -4.67 17.47 11.04
CA GLY B 69 -5.52 17.12 9.92
C GLY B 69 -6.94 16.86 10.39
N PRO B 70 -7.87 16.70 9.45
CA PRO B 70 -9.26 16.43 9.84
C PRO B 70 -9.40 15.30 10.87
N ALA B 71 -8.54 14.30 10.81
CA ALA B 71 -8.63 13.18 11.76
C ALA B 71 -8.03 13.54 13.12
N ALA B 72 -6.88 14.22 13.12
CA ALA B 72 -6.28 14.63 14.39
C ALA B 72 -7.23 15.56 15.15
N ARG B 73 -7.87 16.48 14.44
CA ARG B 73 -8.83 17.38 15.08
C ARG B 73 -10.06 16.66 15.59
N ALA B 74 -10.25 15.38 15.25
CA ALA B 74 -11.41 14.61 15.70
C ALA B 74 -11.09 13.66 16.84
N GLY B 75 -9.81 13.48 17.19
CA GLY B 75 -9.41 12.61 18.27
C GLY B 75 -8.67 11.36 17.87
N VAL B 76 -8.35 11.20 16.59
CA VAL B 76 -7.69 9.99 16.12
C VAL B 76 -6.21 10.05 16.47
N ARG B 77 -5.71 8.99 17.11
CA ARG B 77 -4.31 8.88 17.47
C ARG B 77 -3.66 7.73 16.72
N VAL B 78 -2.35 7.85 16.47
CA VAL B 78 -1.62 6.76 15.84
C VAL B 78 -1.74 5.50 16.68
N GLY B 79 -1.94 4.37 16.02
CA GLY B 79 -2.07 3.11 16.70
C GLY B 79 -3.48 2.70 17.06
N ASP B 80 -4.48 3.47 16.64
CA ASP B 80 -5.87 3.12 16.91
C ASP B 80 -6.31 1.99 15.99
N LYS B 81 -6.91 0.96 16.58
CA LYS B 81 -7.45 -0.15 15.80
C LYS B 81 -8.83 0.23 15.29
N LEU B 82 -9.00 0.21 13.96
CA LEU B 82 -10.26 0.61 13.35
C LEU B 82 -11.22 -0.58 13.33
N LEU B 83 -12.38 -0.42 13.95
CA LEU B 83 -13.38 -1.47 14.06
C LEU B 83 -14.57 -1.28 13.14
N GLU B 84 -15.02 -0.04 12.93
CA GLU B 84 -16.24 0.22 12.19
C GLU B 84 -16.14 1.58 11.52
N VAL B 85 -16.74 1.69 10.34
CA VAL B 85 -16.78 2.95 9.59
C VAL B 85 -18.17 3.11 9.01
N ASN B 86 -18.88 4.14 9.46
CA ASN B 86 -20.22 4.47 8.94
C ASN B 86 -21.13 3.25 8.94
N GLY B 87 -20.98 2.41 9.96
CA GLY B 87 -21.80 1.22 10.11
C GLY B 87 -21.29 -0.01 9.41
N VAL B 88 -20.05 0.01 8.91
CA VAL B 88 -19.45 -1.11 8.21
C VAL B 88 -18.37 -1.70 9.12
N ALA B 89 -18.59 -2.92 9.59
CA ALA B 89 -17.59 -3.59 10.42
C ALA B 89 -16.40 -4.00 9.57
N LEU B 90 -15.20 -3.79 10.11
CA LEU B 90 -13.97 -4.09 9.40
C LEU B 90 -13.21 -5.27 10.01
N GLN B 91 -13.87 -6.06 10.85
CA GLN B 91 -13.23 -7.26 11.40
C GLN B 91 -13.07 -8.29 10.30
N GLY B 92 -11.86 -8.82 10.17
CA GLY B 92 -11.56 -9.78 9.12
C GLY B 92 -11.54 -9.18 7.74
N ALA B 93 -11.27 -7.89 7.63
CA ALA B 93 -11.32 -7.18 6.36
C ALA B 93 -9.92 -7.11 5.74
N GLU B 94 -9.83 -7.46 4.46
CA GLU B 94 -8.60 -7.25 3.72
C GLU B 94 -8.28 -5.77 3.65
N HIS B 95 -6.98 -5.46 3.53
CA HIS B 95 -6.54 -4.07 3.53
C HIS B 95 -7.34 -3.24 2.53
N HIS B 96 -7.35 -3.66 1.27
CA HIS B 96 -8.01 -2.87 0.24
C HIS B 96 -9.47 -2.63 0.59
N GLU B 97 -10.16 -3.65 1.12
CA GLU B 97 -11.55 -3.49 1.52
C GLU B 97 -11.73 -2.29 2.46
N ALA B 98 -10.83 -2.16 3.44
CA ALA B 98 -10.88 -1.02 4.33
C ALA B 98 -10.62 0.28 3.57
N VAL B 99 -9.75 0.23 2.56
CA VAL B 99 -9.46 1.42 1.78
C VAL B 99 -10.72 1.88 1.04
N GLU B 100 -11.44 0.93 0.42
CA GLU B 100 -12.61 1.29 -0.35
C GLU B 100 -13.74 1.81 0.54
N ALA B 101 -13.80 1.33 1.79
CA ALA B 101 -14.79 1.85 2.72
C ALA B 101 -14.52 3.32 3.05
N LEU B 102 -13.28 3.62 3.45
CA LEU B 102 -12.94 5.00 3.81
C LEU B 102 -13.07 5.92 2.60
N ARG B 103 -12.65 5.46 1.42
CA ARG B 103 -12.72 6.28 0.22
C ARG B 103 -14.13 6.83 0.03
N GLY B 104 -15.14 5.99 0.23
CA GLY B 104 -16.52 6.40 -0.02
C GLY B 104 -17.29 6.73 1.23
N ALA B 105 -16.59 7.23 2.25
CA ALA B 105 -17.24 7.55 3.51
C ALA B 105 -17.95 8.90 3.48
N GLY B 106 -17.58 9.78 2.57
CA GLY B 106 -18.25 11.05 2.42
C GLY B 106 -17.55 12.17 3.17
N THR B 107 -18.30 13.25 3.36
CA THR B 107 -17.74 14.44 4.00
C THR B 107 -17.64 14.28 5.51
N ALA B 108 -18.51 13.46 6.11
CA ALA B 108 -18.47 13.16 7.53
C ALA B 108 -18.19 11.68 7.70
N VAL B 109 -17.08 11.36 8.37
CA VAL B 109 -16.62 9.99 8.53
C VAL B 109 -16.65 9.66 10.01
N GLN B 110 -17.60 8.81 10.41
CA GLN B 110 -17.71 8.33 11.78
C GLN B 110 -17.04 6.96 11.87
N MET B 111 -16.09 6.82 12.80
CA MET B 111 -15.36 5.57 12.97
C MET B 111 -15.22 5.23 14.44
N ARG B 112 -15.44 3.96 14.77
CA ARG B 112 -15.26 3.46 16.13
C ARG B 112 -13.94 2.70 16.20
N VAL B 113 -13.02 3.21 17.02
CA VAL B 113 -11.68 2.66 17.11
C VAL B 113 -11.47 2.05 18.49
N TRP B 114 -10.43 1.23 18.60
CA TRP B 114 -10.03 0.60 19.85
C TRP B 114 -8.62 1.08 20.21
N ARG B 115 -8.50 1.71 21.36
CA ARG B 115 -7.25 2.33 21.79
C ARG B 115 -6.64 1.58 22.96
N GLU B 116 -5.34 1.79 23.15
CA GLU B 116 -4.59 1.06 24.17
C GLU B 116 -3.79 2.01 25.06
N ARG B 117 -2.91 1.47 25.88
CA ARG B 117 -2.07 2.26 26.76
C ARG B 117 -0.75 2.57 26.05
N MET B 118 -0.38 3.85 26.03
CA MET B 118 0.79 4.31 25.27
C MET B 118 0.67 3.89 23.81
N PRO C 1 4.61 -11.33 5.62
CA PRO C 1 4.04 -11.45 4.28
C PRO C 1 4.24 -10.19 3.43
N HIS C 2 3.29 -9.26 3.42
CA HIS C 2 3.40 -8.05 2.61
C HIS C 2 2.80 -6.88 3.39
N THR C 3 3.67 -6.02 3.91
CA THR C 3 3.23 -4.79 4.55
C THR C 3 2.39 -3.99 3.57
N ASN C 4 1.15 -3.68 3.97
CA ASN C 4 0.24 -2.88 3.16
C ASN C 4 -0.01 -1.56 3.88
N GLU C 5 0.17 -0.45 3.16
CA GLU C 5 -0.03 0.87 3.72
C GLU C 5 -0.75 1.74 2.69
N THR C 6 -1.77 2.46 3.15
CA THR C 6 -2.51 3.36 2.28
C THR C 6 -2.87 4.65 3.02
N LEU C 8 -4.85 8.21 3.35
CA LEU C 8 -6.17 8.67 2.94
C LEU C 8 -6.47 10.04 3.55
N PRO D 1 -4.99 11.91 0.90
CA PRO D 1 -5.41 11.20 -0.31
C PRO D 1 -4.69 9.87 -0.53
N HIS D 2 -5.01 9.21 -1.64
CA HIS D 2 -4.70 7.79 -1.82
C HIS D 2 -3.26 7.63 -2.29
N THR D 3 -2.37 7.26 -1.37
CA THR D 3 -1.00 6.85 -1.68
C THR D 3 -0.83 5.42 -1.19
N ASN D 4 -0.64 4.50 -2.12
CA ASN D 4 -0.55 3.08 -1.83
C ASN D 4 0.89 2.59 -1.93
N GLU D 5 1.23 1.61 -1.10
CA GLU D 5 2.57 1.02 -1.11
C GLU D 5 2.49 -0.32 -0.40
N THR D 6 3.10 -1.34 -1.01
CA THR D 6 3.04 -2.69 -0.47
C THR D 6 4.33 -3.45 -0.69
N LEU D 8 6.67 -6.77 -0.96
CA LEU D 8 6.39 -8.05 -1.61
C LEU D 8 7.59 -8.97 -1.53
#